data_4CPE
#
_entry.id   4CPE
#
_cell.length_a   46.590
_cell.length_b   93.930
_cell.length_c   104.320
_cell.angle_alpha   90.00
_cell.angle_beta   90.00
_cell.angle_gamma   90.00
#
_symmetry.space_group_name_H-M   'I 2 2 2'
#
loop_
_entity.id
_entity.type
_entity.pdbx_description
1 polymer STREPTAVIDIN
2 non-polymer '(3aS,4S,6aR)-2-oxo-hexahydro-1H-thieno[3,4- d]imidazolidin-4-yl]-N-{2-[(2,6- diphenylphenyl)formamido]ethyl}pentanamide'
3 water water
#
_entity_poly.entity_id   1
_entity_poly.type   'polypeptide(L)'
_entity_poly.pdbx_seq_one_letter_code
;AEAGITGTWYNQLGSTFIVTAGADGALTGTYESAVGNAESRYVLTGRYDSAPATDGSGTALGWTVAWKNNYRNAHSATTW
SGQYVGGAEARINTQWLLTSGTTEANAWKSTLVGHDTFTKVKPSAAS
;
_entity_poly.pdbx_strand_id   A,B
#
# COMPACT_ATOMS: atom_id res chain seq x y z
N GLY A 4 18.87 -7.99 -6.27
CA GLY A 4 17.61 -7.36 -6.62
C GLY A 4 16.55 -7.45 -5.54
N ILE A 5 15.38 -6.91 -5.85
CA ILE A 5 14.27 -6.93 -4.93
C ILE A 5 13.74 -8.35 -4.73
N THR A 6 13.73 -9.16 -5.77
CA THR A 6 13.21 -10.53 -5.63
C THR A 6 13.98 -11.32 -4.60
N GLY A 7 13.28 -11.98 -3.68
CA GLY A 7 13.94 -12.77 -2.67
C GLY A 7 13.17 -12.79 -1.36
N THR A 8 13.88 -13.25 -0.32
CA THR A 8 13.34 -13.36 1.01
C THR A 8 14.02 -12.33 1.90
N TRP A 9 13.20 -11.49 2.51
CA TRP A 9 13.64 -10.39 3.35
C TRP A 9 13.10 -10.56 4.76
N TYR A 10 13.79 -9.94 5.72
CA TYR A 10 13.37 -9.98 7.12
C TYR A 10 13.49 -8.59 7.67
N ASN A 11 12.53 -8.17 8.49
CA ASN A 11 12.66 -6.88 9.13
C ASN A 11 13.22 -7.00 10.53
N GLN A 12 13.30 -5.85 11.19
CA GLN A 12 13.95 -5.78 12.50
C GLN A 12 13.16 -6.48 13.61
N LEU A 13 11.90 -6.81 13.34
CA LEU A 13 11.02 -7.54 14.25
C LEU A 13 11.12 -9.05 13.97
N GLY A 14 11.73 -9.47 12.86
CA GLY A 14 11.77 -10.88 12.46
C GLY A 14 10.64 -11.31 11.54
N SER A 15 9.85 -10.36 11.05
CA SER A 15 8.83 -10.68 10.05
C SER A 15 9.51 -11.07 8.75
N THR A 16 8.86 -11.94 7.97
CA THR A 16 9.40 -12.50 6.73
C THR A 16 8.59 -12.03 5.55
N PHE A 17 9.27 -11.44 4.58
CA PHE A 17 8.69 -10.81 3.38
C PHE A 17 9.30 -11.54 2.19
N ILE A 18 8.51 -12.37 1.49
CA ILE A 18 8.98 -13.14 0.35
C ILE A 18 8.32 -12.54 -0.88
N VAL A 19 9.10 -12.06 -1.84
CA VAL A 19 8.54 -11.28 -2.93
C VAL A 19 9.22 -11.58 -4.26
N THR A 20 8.43 -11.49 -5.31
CA THR A 20 8.91 -11.51 -6.68
C THR A 20 8.64 -10.14 -7.30
N ALA A 21 9.68 -9.55 -7.90
CA ALA A 21 9.58 -8.30 -8.62
C ALA A 21 9.45 -8.63 -10.11
N GLY A 22 8.28 -8.35 -10.67
CA GLY A 22 8.04 -8.59 -12.09
C GLY A 22 8.74 -7.53 -12.92
N ALA A 23 9.03 -7.85 -14.17
CA ALA A 23 9.85 -6.97 -15.00
C ALA A 23 9.25 -5.61 -15.22
N ASP A 24 7.93 -5.52 -15.21
CA ASP A 24 7.23 -4.28 -15.56
C ASP A 24 6.67 -3.54 -14.33
N GLY A 25 7.12 -3.90 -13.13
CA GLY A 25 6.80 -3.09 -11.97
C GLY A 25 5.95 -3.76 -10.89
N ALA A 26 5.55 -5.00 -11.10
CA ALA A 26 4.73 -5.67 -10.08
C ALA A 26 5.57 -6.19 -8.92
N LEU A 27 5.00 -6.11 -7.71
CA LEU A 27 5.51 -6.87 -6.57
C LEU A 27 4.41 -7.84 -6.15
N THR A 28 4.77 -9.10 -5.98
CA THR A 28 3.82 -10.14 -5.63
C THR A 28 4.48 -11.07 -4.65
N GLY A 29 3.84 -11.35 -3.52
CA GLY A 29 4.45 -12.28 -2.58
C GLY A 29 3.63 -12.54 -1.37
N THR A 30 4.33 -12.88 -0.29
CA THR A 30 3.70 -13.21 0.96
C THR A 30 4.43 -12.54 2.11
N TYR A 31 3.71 -12.33 3.21
CA TYR A 31 4.24 -11.63 4.39
C TYR A 31 3.82 -12.44 5.62
N GLU A 32 4.75 -12.65 6.52
CA GLU A 32 4.48 -13.32 7.79
C GLU A 32 4.94 -12.35 8.87
N SER A 33 4.00 -11.87 9.70
CA SER A 33 4.32 -10.89 10.73
C SER A 33 4.72 -11.54 12.02
N ALA A 34 5.84 -11.09 12.58
CA ALA A 34 6.28 -11.56 13.90
C ALA A 34 5.44 -11.01 15.04
N VAL A 35 4.65 -9.98 14.77
CA VAL A 35 3.88 -9.31 15.81
C VAL A 35 2.43 -9.10 15.39
N GLY A 36 1.61 -8.82 16.40
CA GLY A 36 0.23 -8.47 16.16
C GLY A 36 -0.69 -9.66 15.97
N ASN A 37 -1.87 -9.33 15.49
CA ASN A 37 -2.94 -10.30 15.34
C ASN A 37 -2.80 -10.99 13.98
N ALA A 38 -1.88 -11.95 13.93
CA ALA A 38 -1.44 -12.51 12.68
C ALA A 38 -0.86 -13.89 12.95
N GLU A 39 -1.09 -14.82 12.00
CA GLU A 39 -0.42 -16.11 12.03
C GLU A 39 -0.23 -16.58 10.59
N SER A 40 0.91 -17.22 10.34
CA SER A 40 1.24 -17.77 9.02
C SER A 40 1.36 -16.66 7.99
N ARG A 41 1.23 -16.99 6.72
CA ARG A 41 1.49 -16.05 5.63
C ARG A 41 0.24 -15.40 5.13
N TYR A 42 0.42 -14.16 4.67
CA TYR A 42 -0.65 -13.35 4.09
C TYR A 42 -0.22 -12.90 2.70
N VAL A 43 -1.19 -12.77 1.80
CA VAL A 43 -0.93 -12.27 0.45
C VAL A 43 -0.51 -10.82 0.49
N LEU A 44 0.50 -10.49 -0.32
CA LEU A 44 0.86 -9.10 -0.54
C LEU A 44 0.94 -8.84 -2.03
N THR A 45 0.64 -7.58 -2.37
CA THR A 45 0.86 -7.08 -3.72
C THR A 45 1.34 -5.63 -3.67
N GLY A 46 2.12 -5.18 -4.66
CA GLY A 46 2.57 -3.84 -4.65
C GLY A 46 3.17 -3.51 -6.01
N ARG A 47 3.92 -2.41 -6.02
CA ARG A 47 4.53 -1.89 -7.25
C ARG A 47 5.89 -1.34 -6.92
N TYR A 48 6.78 -1.31 -7.91
CA TYR A 48 8.09 -0.69 -7.74
C TYR A 48 8.45 -0.02 -9.05
N ASP A 49 9.40 0.92 -8.98
CA ASP A 49 9.94 1.58 -10.17
C ASP A 49 10.86 0.62 -10.90
N SER A 50 10.40 0.15 -12.07
CA SER A 50 11.13 -0.85 -12.84
C SER A 50 12.17 -0.24 -13.78
N ALA A 51 12.38 1.08 -13.69
CA ALA A 51 13.49 1.71 -14.40
C ALA A 51 14.02 2.86 -13.54
N PRO A 52 14.70 2.53 -12.44
CA PRO A 52 15.16 3.58 -11.52
C PRO A 52 16.19 4.49 -12.15
N ALA A 53 16.38 5.63 -11.52
CA ALA A 53 17.41 6.56 -11.97
C ALA A 53 18.78 5.89 -11.93
N THR A 54 19.69 6.42 -12.74
CA THR A 54 21.03 5.85 -12.84
C THR A 54 22.07 6.77 -12.20
N ASP A 55 21.66 7.44 -11.12
CA ASP A 55 22.49 8.40 -10.42
C ASP A 55 22.85 7.96 -9.02
N GLY A 56 22.63 6.68 -8.69
CA GLY A 56 22.92 6.18 -7.37
C GLY A 56 21.72 6.17 -6.41
N SER A 57 20.58 6.68 -6.86
CA SER A 57 19.38 6.72 -6.03
C SER A 57 18.79 5.33 -5.84
N GLY A 58 18.03 5.18 -4.75
CA GLY A 58 17.27 3.97 -4.51
C GLY A 58 16.11 3.81 -5.47
N THR A 59 15.44 2.67 -5.33
CA THR A 59 14.30 2.27 -6.17
C THR A 59 13.01 2.37 -5.34
N ALA A 60 12.14 3.31 -5.72
CA ALA A 60 10.89 3.51 -5.00
C ALA A 60 9.97 2.31 -5.13
N LEU A 61 9.24 2.02 -4.06
CA LEU A 61 8.33 0.89 -4.06
C LEU A 61 7.28 1.03 -2.96
N GLY A 62 6.27 0.18 -3.03
CA GLY A 62 5.29 0.07 -1.95
C GLY A 62 4.54 -1.24 -2.09
N TRP A 63 3.94 -1.69 -0.99
CA TRP A 63 3.08 -2.86 -1.06
C TRP A 63 2.06 -2.82 0.07
N THR A 64 1.05 -3.70 -0.07
CA THR A 64 -0.06 -3.80 0.86
C THR A 64 -0.25 -5.26 1.28
N VAL A 65 -0.57 -5.45 2.56
CA VAL A 65 -1.13 -6.68 3.10
C VAL A 65 -2.46 -6.36 3.78
N ALA A 66 -3.51 -7.08 3.40
CA ALA A 66 -4.74 -7.13 4.20
C ALA A 66 -4.63 -8.34 5.13
N TRP A 67 -4.89 -8.14 6.42
CA TRP A 67 -4.58 -9.15 7.43
C TRP A 67 -5.68 -10.20 7.58
N LYS A 68 -6.08 -10.78 6.44
CA LYS A 68 -7.00 -11.89 6.38
C LYS A 68 -6.30 -13.02 5.63
N ASN A 69 -6.31 -14.21 6.20
CA ASN A 69 -5.85 -15.41 5.48
C ASN A 69 -6.78 -16.56 5.87
N ASN A 70 -6.36 -17.80 5.62
CA ASN A 70 -7.22 -18.92 5.93
C ASN A 70 -7.43 -19.11 7.41
N TYR A 71 -6.61 -18.51 8.25
CA TYR A 71 -6.61 -18.77 9.67
C TYR A 71 -7.17 -17.67 10.53
N ARG A 72 -7.01 -16.43 10.10
CA ARG A 72 -7.34 -15.28 10.95
C ARG A 72 -7.79 -14.13 10.08
N ASN A 73 -8.59 -13.24 10.66
CA ASN A 73 -8.92 -11.98 10.04
C ASN A 73 -8.89 -10.87 11.08
N ALA A 74 -7.90 -9.99 10.98
CA ALA A 74 -7.71 -8.89 11.90
C ALA A 74 -8.42 -7.61 11.46
N HIS A 75 -9.14 -7.67 10.34
CA HIS A 75 -9.92 -6.52 9.86
C HIS A 75 -9.08 -5.25 9.78
N SER A 76 -7.95 -5.38 9.07
CA SER A 76 -6.98 -4.31 9.01
C SER A 76 -6.07 -4.55 7.79
N ALA A 77 -5.32 -3.53 7.43
CA ALA A 77 -4.41 -3.62 6.30
C ALA A 77 -3.24 -2.71 6.58
N THR A 78 -2.05 -3.16 6.18
CA THR A 78 -0.84 -2.33 6.26
C THR A 78 -0.33 -2.03 4.87
N THR A 79 0.10 -0.79 4.64
CA THR A 79 0.90 -0.46 3.48
C THR A 79 2.28 -0.02 3.90
N TRP A 80 3.28 -0.47 3.15
CA TRP A 80 4.68 -0.05 3.33
C TRP A 80 5.07 0.76 2.11
N SER A 81 5.69 1.91 2.36
CA SER A 81 6.18 2.79 1.32
C SER A 81 7.68 3.01 1.55
N GLY A 82 8.52 2.87 0.53
CA GLY A 82 9.92 3.03 0.81
C GLY A 82 10.77 2.89 -0.43
N GLN A 83 12.03 2.55 -0.21
CA GLN A 83 12.95 2.36 -1.33
C GLN A 83 13.89 1.21 -1.06
N TYR A 84 14.21 0.51 -2.15
CA TYR A 84 15.23 -0.51 -2.19
C TYR A 84 16.56 0.14 -2.50
N VAL A 85 17.57 -0.26 -1.73
CA VAL A 85 18.93 0.24 -1.89
C VAL A 85 19.80 -0.98 -2.08
N GLY A 86 20.30 -1.16 -3.29
CA GLY A 86 21.09 -2.32 -3.61
C GLY A 86 22.53 -2.18 -3.12
N GLY A 87 23.32 -3.22 -3.32
CA GLY A 87 24.71 -3.20 -2.92
C GLY A 87 25.03 -4.48 -2.19
N ALA A 88 26.21 -4.53 -1.57
CA ALA A 88 26.67 -5.75 -0.91
C ALA A 88 25.70 -6.18 0.17
N GLU A 89 25.13 -5.21 0.85
CA GLU A 89 24.15 -5.48 1.88
C GLU A 89 22.89 -4.69 1.58
N ALA A 90 22.11 -5.29 0.70
CA ALA A 90 20.92 -4.65 0.21
C ALA A 90 19.92 -4.40 1.33
N ARG A 91 19.13 -3.34 1.18
CA ARG A 91 18.14 -2.98 2.18
C ARG A 91 16.87 -2.51 1.51
N ILE A 92 15.75 -2.70 2.19
CA ILE A 92 14.53 -1.99 1.85
C ILE A 92 14.14 -1.16 3.07
N ASN A 93 14.17 0.15 2.93
CA ASN A 93 13.85 1.05 4.02
C ASN A 93 12.45 1.57 3.81
N THR A 94 11.59 1.36 4.81
CA THR A 94 10.17 1.67 4.67
C THR A 94 9.60 2.44 5.85
N GLN A 95 8.51 3.13 5.55
CA GLN A 95 7.54 3.59 6.55
C GLN A 95 6.22 2.94 6.21
N TRP A 96 5.41 2.70 7.24
CA TRP A 96 4.18 1.95 7.04
C TRP A 96 3.00 2.62 7.74
N LEU A 97 1.81 2.32 7.22
CA LEU A 97 0.52 2.75 7.78
C LEU A 97 -0.36 1.51 7.94
N LEU A 98 -0.83 1.28 9.15
CA LEU A 98 -1.68 0.13 9.46
C LEU A 98 -3.04 0.67 9.85
N THR A 99 -4.03 0.49 8.98
CA THR A 99 -5.38 0.96 9.23
C THR A 99 -6.29 -0.20 9.56
N SER A 100 -7.02 -0.05 10.67
CA SER A 100 -8.06 -0.99 11.04
C SER A 100 -9.42 -0.46 10.64
N GLY A 101 -10.36 -1.36 10.33
CA GLY A 101 -11.74 -0.94 10.16
C GLY A 101 -12.28 -0.45 11.49
N THR A 102 -12.87 0.73 11.47
CA THR A 102 -13.42 1.32 12.70
C THR A 102 -14.79 1.91 12.40
N THR A 103 -15.53 2.25 13.44
CA THR A 103 -16.69 3.12 13.26
C THR A 103 -16.22 4.51 12.85
N GLU A 104 -17.14 5.34 12.37
CA GLU A 104 -16.77 6.71 11.99
C GLU A 104 -16.28 7.47 13.21
N ALA A 105 -16.93 7.25 14.36
CA ALA A 105 -16.56 7.93 15.60
C ALA A 105 -15.15 7.57 16.06
N ASN A 106 -14.67 6.38 15.71
CA ASN A 106 -13.33 5.94 16.13
C ASN A 106 -12.30 6.05 15.05
N ALA A 107 -12.68 6.68 13.94
CA ALA A 107 -11.78 6.79 12.81
C ALA A 107 -10.48 7.53 13.18
N TRP A 108 -10.56 8.45 14.14
CA TRP A 108 -9.37 9.22 14.50
C TRP A 108 -8.25 8.31 15.01
N LYS A 109 -8.61 7.12 15.54
CA LYS A 109 -7.62 6.20 16.11
C LYS A 109 -7.48 4.93 15.23
N SER A 110 -7.76 5.07 13.94
CA SER A 110 -7.75 3.92 13.04
C SER A 110 -6.38 3.54 12.53
N THR A 111 -5.38 4.43 12.56
CA THR A 111 -4.17 4.21 11.77
C THR A 111 -2.90 4.37 12.58
N LEU A 112 -2.15 3.27 12.72
CA LEU A 112 -0.82 3.27 13.29
C LEU A 112 0.20 3.59 12.20
N VAL A 113 1.31 4.22 12.59
CA VAL A 113 2.40 4.52 11.71
C VAL A 113 3.70 4.01 12.32
N GLY A 114 4.60 3.51 11.49
CA GLY A 114 5.90 3.09 11.96
C GLY A 114 6.88 2.95 10.82
N HIS A 115 7.99 2.33 11.09
CA HIS A 115 9.03 2.15 10.08
C HIS A 115 9.67 0.78 10.26
N ASP A 116 9.94 0.14 9.13
CA ASP A 116 10.59 -1.17 9.09
C ASP A 116 11.79 -1.11 8.14
N THR A 117 12.87 -1.76 8.54
CA THR A 117 14.04 -1.93 7.69
C THR A 117 14.17 -3.42 7.40
N PHE A 118 14.27 -3.74 6.11
CA PHE A 118 14.38 -5.11 5.67
C PHE A 118 15.78 -5.39 5.15
N THR A 119 16.31 -6.57 5.47
CA THR A 119 17.55 -7.05 4.87
C THR A 119 17.32 -8.51 4.50
N LYS A 120 18.27 -9.10 3.77
CA LYS A 120 18.16 -10.50 3.38
C LYS A 120 18.78 -11.46 4.40
N VAL A 121 19.21 -10.92 5.55
CA VAL A 121 19.83 -11.75 6.58
C VAL A 121 18.78 -12.44 7.43
N LYS A 122 18.79 -13.77 7.42
CA LYS A 122 17.86 -14.54 8.23
C LYS A 122 18.31 -14.44 9.69
N PRO A 123 17.40 -14.05 10.60
CA PRO A 123 17.83 -13.92 12.00
C PRO A 123 18.26 -15.23 12.64
N GLY B 4 -19.51 -2.72 -4.09
CA GLY B 4 -19.00 -1.96 -2.96
C GLY B 4 -17.81 -1.10 -3.36
N ILE B 5 -16.62 -1.66 -3.24
CA ILE B 5 -15.42 -0.95 -3.59
C ILE B 5 -15.30 -0.78 -5.11
N THR B 6 -15.72 -1.77 -5.88
CA THR B 6 -15.54 -1.73 -7.33
C THR B 6 -16.25 -0.53 -7.93
N GLY B 7 -15.53 0.24 -8.74
CA GLY B 7 -16.12 1.38 -9.42
C GLY B 7 -15.09 2.46 -9.65
N THR B 8 -15.61 3.66 -9.90
CA THR B 8 -14.82 4.84 -10.19
C THR B 8 -14.97 5.80 -9.02
N TRP B 9 -13.85 6.37 -8.61
CA TRP B 9 -13.77 7.22 -7.43
C TRP B 9 -12.97 8.48 -7.77
N TYR B 10 -13.30 9.58 -7.12
N TYR B 10 -13.32 9.62 -7.19
CA TYR B 10 -12.49 10.78 -7.22
CA TYR B 10 -12.54 10.84 -7.39
C TYR B 10 -12.10 11.27 -5.87
C TYR B 10 -12.17 11.39 -5.97
N ASN B 11 -10.98 11.99 -5.81
CA ASN B 11 -10.60 12.60 -4.55
C ASN B 11 -10.69 14.10 -4.60
N GLN B 12 -10.35 14.71 -3.48
CA GLN B 12 -10.51 16.13 -3.31
C GLN B 12 -9.60 16.97 -4.22
N LEU B 13 -8.54 16.36 -4.77
CA LEU B 13 -7.62 17.03 -5.69
C LEU B 13 -8.14 16.94 -7.14
N GLY B 14 -9.16 16.11 -7.38
CA GLY B 14 -9.61 15.82 -8.74
C GLY B 14 -8.91 14.63 -9.39
N SER B 15 -8.18 13.85 -8.60
CA SER B 15 -7.60 12.60 -9.10
C SER B 15 -8.70 11.53 -9.27
N THR B 16 -8.42 10.54 -10.13
CA THR B 16 -9.33 9.48 -10.58
C THR B 16 -8.74 8.16 -10.21
N PHE B 17 -9.56 7.29 -9.61
CA PHE B 17 -9.19 5.93 -9.15
C PHE B 17 -10.26 4.95 -9.74
N ILE B 18 -9.89 4.01 -10.65
CA ILE B 18 -10.84 3.04 -11.14
C ILE B 18 -10.35 1.72 -10.62
N VAL B 19 -11.21 0.99 -9.91
CA VAL B 19 -10.75 -0.19 -9.21
C VAL B 19 -11.79 -1.31 -9.32
N THR B 20 -11.28 -2.54 -9.34
CA THR B 20 -12.09 -3.74 -9.21
C THR B 20 -11.60 -4.53 -8.01
N ALA B 21 -12.54 -4.89 -7.16
CA ALA B 21 -12.28 -5.69 -5.96
C ALA B 21 -12.65 -7.13 -6.24
N GLY B 22 -11.68 -8.01 -6.10
CA GLY B 22 -11.85 -9.42 -6.40
C GLY B 22 -12.27 -10.21 -5.18
N ALA B 23 -12.86 -11.38 -5.42
CA ALA B 23 -13.37 -12.19 -4.32
C ALA B 23 -12.27 -12.64 -3.36
N ASP B 24 -11.04 -12.72 -3.86
CA ASP B 24 -9.91 -13.14 -3.07
C ASP B 24 -9.23 -12.03 -2.28
N GLY B 25 -9.80 -10.83 -2.27
CA GLY B 25 -9.17 -9.72 -1.57
C GLY B 25 -8.31 -8.82 -2.44
N ALA B 26 -8.22 -9.08 -3.73
CA ALA B 26 -7.42 -8.28 -4.62
C ALA B 26 -8.07 -6.96 -4.97
N LEU B 27 -7.25 -5.93 -5.11
CA LEU B 27 -7.64 -4.69 -5.77
C LEU B 27 -6.76 -4.51 -7.00
N THR B 28 -7.38 -4.20 -8.13
CA THR B 28 -6.64 -3.91 -9.35
C THR B 28 -7.31 -2.75 -10.06
N GLY B 29 -6.53 -1.92 -10.75
CA GLY B 29 -7.14 -0.84 -11.50
C GLY B 29 -6.12 0.16 -11.97
N THR B 30 -6.56 1.39 -12.12
CA THR B 30 -5.70 2.45 -12.60
C THR B 30 -5.98 3.73 -11.83
N TYR B 31 -4.95 4.58 -11.77
CA TYR B 31 -5.02 5.83 -11.03
C TYR B 31 -4.54 6.94 -11.94
N GLU B 32 -5.20 8.08 -11.90
CA GLU B 32 -4.76 9.27 -12.61
C GLU B 32 -4.67 10.41 -11.61
N SER B 33 -3.46 10.94 -11.42
CA SER B 33 -3.28 12.01 -10.43
C SER B 33 -3.49 13.38 -11.04
N ALA B 34 -4.23 14.22 -10.35
CA ALA B 34 -4.41 15.61 -10.76
C ALA B 34 -3.19 16.47 -10.51
N VAL B 35 -2.26 15.99 -9.69
CA VAL B 35 -1.12 16.79 -9.26
C VAL B 35 0.18 16.01 -9.33
N GLY B 36 1.27 16.74 -9.29
CA GLY B 36 2.58 16.14 -9.25
C GLY B 36 3.16 15.75 -10.59
N ASN B 37 4.22 14.95 -10.53
CA ASN B 37 4.96 14.57 -11.71
C ASN B 37 4.30 13.32 -12.29
N ALA B 38 3.15 13.52 -12.93
CA ALA B 38 2.29 12.42 -13.33
C ALA B 38 1.45 12.86 -14.53
N GLU B 39 1.22 11.92 -15.46
CA GLU B 39 0.33 12.17 -16.57
C GLU B 39 -0.26 10.83 -16.99
N SER B 40 -1.52 10.85 -17.42
CA SER B 40 -2.22 9.64 -17.87
C SER B 40 -2.41 8.65 -16.70
N ARG B 41 -2.74 7.42 -17.04
CA ARG B 41 -3.11 6.40 -16.03
C ARG B 41 -1.92 5.60 -15.61
N TYR B 42 -1.91 5.21 -14.35
CA TYR B 42 -0.89 4.32 -13.78
C TYR B 42 -1.56 3.09 -13.21
N VAL B 43 -0.86 1.96 -13.28
CA VAL B 43 -1.34 0.73 -12.67
C VAL B 43 -1.42 0.87 -11.15
N LEU B 44 -2.49 0.38 -10.57
CA LEU B 44 -2.50 0.17 -9.15
C LEU B 44 -2.82 -1.24 -8.80
N THR B 45 -2.33 -1.65 -7.66
CA THR B 45 -2.64 -2.94 -7.09
C THR B 45 -2.75 -2.80 -5.58
N GLY B 46 -3.61 -3.60 -4.95
CA GLY B 46 -3.75 -3.55 -3.51
C GLY B 46 -4.54 -4.72 -2.98
N ARG B 47 -4.95 -4.58 -1.72
CA ARG B 47 -5.67 -5.63 -1.02
C ARG B 47 -6.74 -4.98 -0.15
N TYR B 48 -7.82 -5.73 0.11
CA TYR B 48 -8.84 -5.28 1.03
C TYR B 48 -9.34 -6.48 1.84
N ASP B 49 -9.95 -6.19 2.98
CA ASP B 49 -10.57 -7.21 3.81
C ASP B 49 -11.85 -7.69 3.14
N SER B 50 -11.82 -8.91 2.59
CA SER B 50 -12.95 -9.45 1.85
C SER B 50 -14.03 -10.06 2.74
N ALA B 51 -13.84 -10.05 4.06
CA ALA B 51 -14.88 -10.55 4.99
C ALA B 51 -14.93 -9.64 6.21
N PRO B 52 -15.31 -8.37 6.01
N PRO B 52 -15.30 -8.38 6.00
CA PRO B 52 -15.19 -7.35 7.05
CA PRO B 52 -15.26 -7.38 7.06
C PRO B 52 -16.17 -7.54 8.15
C PRO B 52 -16.28 -7.65 8.14
N ALA B 53 -15.96 -6.82 9.24
N ALA B 53 -16.21 -6.85 9.21
CA ALA B 53 -16.93 -6.88 10.32
CA ALA B 53 -16.91 -7.15 10.46
C ALA B 53 -18.24 -6.25 9.86
C ALA B 53 -18.45 -7.27 10.44
N THR B 54 -19.34 -6.70 10.43
N THR B 54 -19.20 -6.36 9.80
CA THR B 54 -20.69 -6.20 10.09
CA THR B 54 -18.74 -5.31 8.90
C THR B 54 -21.31 -5.43 11.26
C THR B 54 -19.75 -4.20 9.07
N ASP B 55 -20.45 -4.87 12.11
N ASP B 55 -19.65 -3.18 8.23
CA ASP B 55 -20.86 -4.22 13.34
CA ASP B 55 -20.73 -2.22 8.04
C ASP B 55 -20.85 -2.70 13.22
C ASP B 55 -20.93 -1.26 9.22
N GLY B 56 -20.75 -2.18 11.99
N GLY B 56 -20.96 -1.76 10.46
CA GLY B 56 -20.69 -0.74 11.72
CA GLY B 56 -20.89 -0.87 11.62
C GLY B 56 -19.30 -0.20 11.40
C GLY B 56 -19.52 -0.19 11.70
N SER B 57 -18.33 -1.09 11.34
N SER B 57 -18.54 -0.85 11.13
CA SER B 57 -16.94 -0.72 11.03
CA SER B 57 -17.21 -0.29 10.96
C SER B 57 -16.74 -0.56 9.52
C SER B 57 -16.84 -0.42 9.50
N GLY B 58 -15.79 0.28 9.12
CA GLY B 58 -15.34 0.31 7.75
C GLY B 58 -14.62 -0.97 7.36
N THR B 59 -14.32 -1.05 6.06
CA THR B 59 -13.59 -2.17 5.48
C THR B 59 -12.17 -1.71 5.19
N ALA B 60 -11.20 -2.34 5.85
CA ALA B 60 -9.80 -1.93 5.68
C ALA B 60 -9.28 -2.30 4.30
N LEU B 61 -8.40 -1.45 3.79
N LEU B 61 -8.47 -1.40 3.72
CA LEU B 61 -7.80 -1.67 2.49
CA LEU B 61 -7.90 -1.63 2.40
C LEU B 61 -6.51 -0.88 2.34
C LEU B 61 -6.67 -0.76 2.21
N GLY B 62 -5.83 -1.14 1.25
CA GLY B 62 -4.69 -0.34 0.86
C GLY B 62 -4.34 -0.61 -0.59
N TRP B 63 -3.63 0.34 -1.22
CA TRP B 63 -3.13 0.08 -2.56
C TRP B 63 -1.89 0.91 -2.82
N THR B 64 -1.17 0.53 -3.87
CA THR B 64 0.06 1.18 -4.29
C THR B 64 -0.02 1.57 -5.75
N VAL B 65 0.55 2.75 -6.06
CA VAL B 65 0.87 3.16 -7.42
C VAL B 65 2.35 3.49 -7.45
N ALA B 66 3.12 2.84 -8.35
CA ALA B 66 4.44 3.35 -8.74
C ALA B 66 4.25 4.29 -9.90
N TRP B 67 4.84 5.47 -9.81
CA TRP B 67 4.61 6.55 -10.77
C TRP B 67 5.47 6.43 -12.02
N LYS B 68 5.43 5.21 -12.59
CA LYS B 68 5.98 4.92 -13.91
C LYS B 68 4.86 4.34 -14.74
N ASN B 69 4.64 4.92 -15.92
CA ASN B 69 3.80 4.29 -16.92
C ASN B 69 4.55 4.38 -18.25
N ASN B 70 3.90 4.14 -19.37
CA ASN B 70 4.62 4.15 -20.63
C ASN B 70 4.80 5.55 -21.19
N TYR B 71 4.47 6.58 -20.41
CA TYR B 71 4.60 7.98 -20.82
C TYR B 71 5.50 8.81 -19.92
N ARG B 72 5.73 8.38 -18.68
CA ARG B 72 6.46 9.18 -17.71
C ARG B 72 6.96 8.31 -16.59
N ASN B 73 8.07 8.70 -15.98
CA ASN B 73 8.58 8.03 -14.79
C ASN B 73 9.06 9.10 -13.79
N ALA B 74 8.44 9.14 -12.61
CA ALA B 74 8.78 10.08 -11.55
C ALA B 74 9.66 9.47 -10.48
N HIS B 75 10.07 8.20 -10.64
CA HIS B 75 10.94 7.53 -9.68
C HIS B 75 10.39 7.64 -8.26
N SER B 76 9.12 7.27 -8.10
N SER B 76 9.17 7.13 -8.10
CA SER B 76 8.45 7.38 -6.80
CA SER B 76 8.36 7.46 -6.94
C SER B 76 7.29 6.43 -6.78
C SER B 76 7.16 6.53 -6.83
N ALA B 77 6.69 6.27 -5.61
CA ALA B 77 5.55 5.38 -5.40
C ALA B 77 4.74 5.89 -4.22
N THR B 78 3.42 5.82 -4.33
CA THR B 78 2.52 6.16 -3.23
C THR B 78 1.78 4.93 -2.76
N THR B 79 1.62 4.81 -1.45
CA THR B 79 0.69 3.85 -0.89
C THR B 79 -0.40 4.57 -0.13
N TRP B 80 -1.64 4.13 -0.32
CA TRP B 80 -2.80 4.63 0.43
C TRP B 80 -3.27 3.52 1.34
N SER B 81 -3.48 3.86 2.62
CA SER B 81 -3.98 2.96 3.63
C SER B 81 -5.26 3.57 4.18
N GLY B 82 -6.34 2.81 4.25
CA GLY B 82 -7.56 3.43 4.72
C GLY B 82 -8.70 2.46 4.86
N GLN B 83 -9.91 2.99 4.75
N GLN B 83 -9.91 3.04 4.85
CA GLN B 83 -11.07 2.15 4.91
CA GLN B 83 -11.15 2.29 5.02
C GLN B 83 -12.23 2.68 4.08
C GLN B 83 -12.16 2.68 3.96
N TYR B 84 -12.96 1.71 3.54
CA TYR B 84 -14.15 1.92 2.75
C TYR B 84 -15.34 1.96 3.69
N VAL B 85 -16.17 2.97 3.48
CA VAL B 85 -17.40 3.13 4.23
C VAL B 85 -18.51 3.08 3.20
N GLY B 86 -19.31 2.01 3.23
CA GLY B 86 -20.31 1.77 2.21
C GLY B 86 -21.65 2.45 2.43
N GLY B 87 -22.65 2.00 1.68
CA GLY B 87 -23.99 2.58 1.71
C GLY B 87 -24.16 3.57 0.57
N ALA B 88 -25.26 4.33 0.61
CA ALA B 88 -25.36 5.49 -0.26
C ALA B 88 -24.27 6.43 0.23
N GLU B 89 -23.72 7.24 -0.66
CA GLU B 89 -22.62 8.12 -0.29
C GLU B 89 -21.41 7.32 0.18
N ALA B 90 -21.00 6.34 -0.61
CA ALA B 90 -19.81 5.57 -0.29
C ALA B 90 -18.54 6.42 -0.35
N ARG B 91 -17.64 6.18 0.60
CA ARG B 91 -16.40 6.92 0.72
C ARG B 91 -15.26 5.98 0.99
N ILE B 92 -14.07 6.35 0.55
CA ILE B 92 -12.85 5.71 1.00
C ILE B 92 -11.98 6.79 1.63
N ASN B 93 -11.71 6.65 2.93
CA ASN B 93 -10.91 7.61 3.67
C ASN B 93 -9.53 7.05 3.84
N THR B 94 -8.51 7.81 3.45
CA THR B 94 -7.14 7.28 3.43
C THR B 94 -6.13 8.24 4.01
N GLN B 95 -5.01 7.67 4.41
N GLN B 95 -5.03 7.65 4.45
CA GLN B 95 -3.78 8.40 4.59
CA GLN B 95 -3.75 8.31 4.69
C GLN B 95 -2.77 7.75 3.66
C GLN B 95 -2.83 7.77 3.59
N TRP B 96 -1.82 8.54 3.19
CA TRP B 96 -0.88 8.06 2.17
C TRP B 96 0.55 8.46 2.50
N LEU B 97 1.45 7.65 1.95
CA LEU B 97 2.91 7.87 2.00
C LEU B 97 3.43 7.83 0.57
N LEU B 98 4.19 8.87 0.18
CA LEU B 98 4.76 8.97 -1.15
C LEU B 98 6.26 8.99 -0.98
N THR B 99 6.92 7.92 -1.42
CA THR B 99 8.39 7.84 -1.32
C THR B 99 9.00 7.96 -2.71
N SER B 100 10.02 8.80 -2.81
CA SER B 100 10.83 8.90 -4.01
C SER B 100 12.15 8.19 -3.84
N GLY B 101 12.71 7.67 -4.93
CA GLY B 101 14.05 7.16 -4.84
C GLY B 101 15.04 8.28 -4.64
N THR B 102 15.93 8.15 -3.67
CA THR B 102 16.89 9.19 -3.33
C THR B 102 18.28 8.60 -3.15
N THR B 103 19.29 9.46 -3.15
CA THR B 103 20.58 9.04 -2.67
C THR B 103 20.53 8.83 -1.16
N GLU B 104 21.54 8.18 -0.59
CA GLU B 104 21.50 7.96 0.85
C GLU B 104 21.52 9.28 1.62
N ALA B 105 22.26 10.27 1.12
CA ALA B 105 22.36 11.55 1.79
C ALA B 105 21.03 12.28 1.80
N ASN B 106 20.18 12.00 0.82
CA ASN B 106 18.88 12.65 0.74
C ASN B 106 17.72 11.81 1.27
N ALA B 107 18.02 10.67 1.87
CA ALA B 107 16.96 9.75 2.27
C ALA B 107 16.02 10.36 3.32
N TRP B 108 16.53 11.27 4.13
CA TRP B 108 15.70 11.86 5.17
C TRP B 108 14.53 12.63 4.59
N LYS B 109 14.65 13.08 3.34
CA LYS B 109 13.58 13.83 2.70
C LYS B 109 12.90 13.03 1.57
N SER B 110 12.90 11.70 1.70
CA SER B 110 12.35 10.83 0.69
C SER B 110 10.83 10.73 0.68
N THR B 111 10.17 11.02 1.80
CA THR B 111 8.78 10.58 1.95
C THR B 111 7.85 11.70 2.40
N LEU B 112 6.82 11.96 1.59
CA LEU B 112 5.72 12.85 1.94
C LEU B 112 4.57 12.05 2.55
N VAL B 113 3.78 12.70 3.40
CA VAL B 113 2.61 12.10 3.99
C VAL B 113 1.43 13.03 3.76
N GLY B 114 0.26 12.43 3.58
CA GLY B 114 -0.95 13.22 3.44
C GLY B 114 -2.19 12.36 3.61
N HIS B 115 -3.33 12.92 3.22
CA HIS B 115 -4.60 12.21 3.36
C HIS B 115 -5.50 12.60 2.20
N ASP B 116 -6.20 11.60 1.67
CA ASP B 116 -7.14 11.79 0.55
C ASP B 116 -8.49 11.17 0.95
N THR B 117 -9.57 11.82 0.54
CA THR B 117 -10.92 11.27 0.66
C THR B 117 -11.46 11.04 -0.72
N PHE B 118 -11.90 9.81 -0.96
CA PHE B 118 -12.46 9.44 -2.24
C PHE B 118 -13.97 9.29 -2.17
N THR B 119 -14.65 9.83 -3.17
CA THR B 119 -16.08 9.76 -3.32
C THR B 119 -16.42 8.89 -4.53
N LYS B 120 -17.36 7.96 -4.36
CA LYS B 120 -17.71 7.06 -5.46
C LYS B 120 -18.65 7.76 -6.41
N VAL B 121 -18.42 7.60 -7.71
CA VAL B 121 -19.33 8.18 -8.70
C VAL B 121 -20.11 7.10 -9.41
#